data_8X38
#
_entry.id   8X38
#
_cell.length_a   45.632
_cell.length_b   97.130
_cell.length_c   106.596
_cell.angle_alpha   90.00
_cell.angle_beta   90.00
_cell.angle_gamma   90.00
#
_symmetry.space_group_name_H-M   'P 21 21 21'
#
loop_
_entity.id
_entity.type
_entity.pdbx_description
1 polymer 'Decarboxylative Vanillate 1-Hydroxylase'
2 non-polymer 'FLAVIN-ADENINE DINUCLEOTIDE'
3 non-polymer 'ACETATE ION'
4 water water
#
_entity_poly.entity_id   1
_entity_poly.type   'polypeptide(L)'
_entity_poly.pdbx_seq_one_letter_code
;MGGSSSEPITAYVAPDQRATAQGVAEHVSLYNGRKAPLRLHILIVGCGLGGLAAAYCLAQAGHRVTVVEAAHAIGEVGAG
IQVTPNVTRLLRRWGLADAIERVAVRPEAIVFRRYKTGERVGYTKWGDKMEEYGAPYYHIHRADFHKLLFDLAAPNMTLR
LKSTVVGVDPDAPSLTLASGEVLHGDVIIGADGVKSYVQQVVIGRANPAQPTGDAAYRAIIPTSVMLEDPDLKPFVDTPE
MTAWMGPGTHLMAYNIRAKQEFNMVLLHPDDGSVESWTAEGSAEKMRADFKDYEPRVQKLLQHVKSTLKWRLMDRQPLEK
WVHSSGRVALLGDSCHPMLPYRAQGAAMAIEDAAVLGNLFSRLSHPSQIAPLLHAYQNLRLKRTADTQASSRLNQKIFHL
PDGPAQEARDADMRAAMELEFRLLRGEHVDVTLEGSHNQWADRKKNMAQFGYDADAVADRWWADVGEREIGSLGQQQQAV
KVNGRLGSRSHHHHHH
;
_entity_poly.pdbx_strand_id   A
#
loop_
_chem_comp.id
_chem_comp.type
_chem_comp.name
_chem_comp.formula
ACT non-polymer 'ACETATE ION' 'C2 H3 O2 -1'
FAD non-polymer 'FLAVIN-ADENINE DINUCLEOTIDE' 'C27 H33 N9 O15 P2'
#
# COMPACT_ATOMS: atom_id res chain seq x y z
N SER A 29 -22.30 -7.51 -6.06
CA SER A 29 -22.24 -7.36 -7.57
C SER A 29 -21.61 -6.02 -7.99
N LEU A 30 -20.35 -6.06 -8.40
CA LEU A 30 -19.64 -4.91 -9.00
C LEU A 30 -20.23 -4.61 -10.38
N TYR A 31 -19.87 -3.46 -10.92
CA TYR A 31 -20.01 -3.17 -12.38
C TYR A 31 -21.49 -3.22 -12.78
N ASN A 32 -22.41 -3.07 -11.81
CA ASN A 32 -23.87 -3.06 -12.09
C ASN A 32 -24.23 -4.37 -12.77
N GLY A 33 -23.53 -5.48 -12.44
CA GLY A 33 -23.85 -6.82 -12.93
C GLY A 33 -23.27 -7.11 -14.30
N ARG A 34 -22.54 -6.16 -14.86
CA ARG A 34 -22.01 -6.34 -16.24
C ARG A 34 -20.82 -7.32 -16.25
N LYS A 35 -20.72 -8.11 -17.32
CA LYS A 35 -19.61 -9.08 -17.55
C LYS A 35 -19.08 -8.88 -18.98
N ALA A 36 -17.77 -8.91 -19.17
CA ALA A 36 -17.18 -8.71 -20.52
C ALA A 36 -17.79 -9.73 -21.48
N PRO A 37 -18.38 -9.31 -22.61
CA PRO A 37 -18.82 -10.26 -23.62
C PRO A 37 -17.66 -11.15 -24.13
N LEU A 38 -16.42 -10.65 -24.12
CA LEU A 38 -15.21 -11.47 -24.47
C LEU A 38 -14.50 -11.87 -23.18
N ARG A 39 -14.60 -13.13 -22.79
CA ARG A 39 -13.96 -13.64 -21.56
C ARG A 39 -12.51 -14.01 -21.89
N LEU A 40 -11.56 -13.49 -21.11
CA LEU A 40 -10.11 -13.77 -21.24
C LEU A 40 -9.67 -14.72 -20.13
N HIS A 41 -8.58 -15.42 -20.38
CA HIS A 41 -7.72 -15.98 -19.31
C HIS A 41 -6.64 -14.94 -19.03
N ILE A 42 -6.64 -14.41 -17.82
CA ILE A 42 -5.61 -13.47 -17.34
C ILE A 42 -4.74 -14.17 -16.28
N LEU A 43 -3.43 -14.19 -16.54
CA LEU A 43 -2.42 -14.65 -15.58
C LEU A 43 -2.01 -13.43 -14.75
N ILE A 44 -2.02 -13.56 -13.44
CA ILE A 44 -1.55 -12.52 -12.50
C ILE A 44 -0.34 -13.07 -11.79
N VAL A 45 0.80 -12.42 -11.96
CA VAL A 45 2.03 -12.81 -11.23
C VAL A 45 2.04 -12.07 -9.89
N GLY A 46 1.92 -12.84 -8.81
CA GLY A 46 2.02 -12.35 -7.43
C GLY A 46 0.69 -12.35 -6.72
N CYS A 47 0.63 -13.06 -5.60
CA CYS A 47 -0.54 -13.15 -4.73
C CYS A 47 -0.31 -12.24 -3.51
N GLY A 48 0.09 -10.99 -3.76
CA GLY A 48 0.11 -9.95 -2.73
C GLY A 48 -1.22 -9.21 -2.67
N LEU A 49 -1.24 -8.03 -2.07
CA LEU A 49 -2.53 -7.31 -1.87
C LEU A 49 -3.03 -6.85 -3.26
N GLY A 50 -2.12 -6.41 -4.12
CA GLY A 50 -2.46 -6.00 -5.50
C GLY A 50 -3.02 -7.13 -6.32
N GLY A 51 -2.31 -8.25 -6.36
CA GLY A 51 -2.68 -9.42 -7.17
C GLY A 51 -4.03 -9.97 -6.75
N LEU A 52 -4.26 -10.05 -5.44
CA LEU A 52 -5.58 -10.52 -4.92
C LEU A 52 -6.68 -9.52 -5.35
N ALA A 53 -6.46 -8.23 -5.16
CA ALA A 53 -7.45 -7.22 -5.57
C ALA A 53 -7.71 -7.35 -7.07
N ALA A 54 -6.66 -7.52 -7.87
CA ALA A 54 -6.80 -7.66 -9.34
C ALA A 54 -7.57 -8.96 -9.64
N ALA A 55 -7.27 -10.03 -8.91
CA ALA A 55 -7.92 -11.33 -9.19
C ALA A 55 -9.42 -11.16 -8.92
N TYR A 56 -9.77 -10.53 -7.81
CA TYR A 56 -11.19 -10.33 -7.45
C TYR A 56 -11.88 -9.47 -8.52
N CYS A 57 -11.35 -8.27 -8.79
CA CYS A 57 -11.95 -7.33 -9.75
C CYS A 57 -12.07 -7.96 -11.14
N LEU A 58 -11.05 -8.66 -11.63
CA LEU A 58 -11.04 -9.20 -13.02
C LEU A 58 -12.00 -10.40 -13.14
N ALA A 59 -12.16 -11.19 -12.10
CA ALA A 59 -13.10 -12.32 -12.07
C ALA A 59 -14.53 -11.75 -12.07
N GLN A 60 -14.78 -10.76 -11.24
CA GLN A 60 -16.08 -10.06 -11.17
C GLN A 60 -16.39 -9.44 -12.53
N ALA A 61 -15.37 -8.98 -13.26
CA ALA A 61 -15.52 -8.34 -14.60
C ALA A 61 -15.88 -9.38 -15.65
N GLY A 62 -15.75 -10.67 -15.33
CA GLY A 62 -16.17 -11.77 -16.22
C GLY A 62 -15.02 -12.55 -16.82
N HIS A 63 -13.82 -12.49 -16.21
CA HIS A 63 -12.61 -13.14 -16.77
C HIS A 63 -12.19 -14.32 -15.90
N ARG A 64 -11.48 -15.25 -16.52
CA ARG A 64 -10.89 -16.40 -15.83
C ARG A 64 -9.50 -15.95 -15.36
N VAL A 65 -9.19 -16.20 -14.12
CA VAL A 65 -7.96 -15.66 -13.48
C VAL A 65 -7.16 -16.83 -12.92
N THR A 66 -5.87 -16.84 -13.23
CA THR A 66 -4.87 -17.68 -12.55
C THR A 66 -3.87 -16.74 -11.90
N VAL A 67 -3.64 -16.94 -10.61
CA VAL A 67 -2.62 -16.21 -9.82
C VAL A 67 -1.46 -17.17 -9.56
N VAL A 68 -0.24 -16.74 -9.92
CA VAL A 68 1.02 -17.51 -9.72
C VAL A 68 1.87 -16.77 -8.70
N GLU A 69 2.22 -17.48 -7.61
CA GLU A 69 2.90 -16.94 -6.41
C GLU A 69 4.14 -17.77 -6.10
N ALA A 70 5.26 -17.10 -5.81
CA ALA A 70 6.57 -17.69 -5.46
C ALA A 70 6.49 -18.41 -4.11
N ALA A 71 5.80 -17.85 -3.13
CA ALA A 71 5.79 -18.39 -1.75
C ALA A 71 5.13 -19.77 -1.75
N HIS A 72 5.68 -20.66 -0.93
CA HIS A 72 5.22 -22.06 -0.75
C HIS A 72 3.86 -22.05 -0.08
N ALA A 73 3.65 -21.12 0.85
CA ALA A 73 2.35 -20.88 1.51
C ALA A 73 2.26 -19.41 1.90
N ILE A 74 1.05 -18.96 2.09
CA ILE A 74 0.74 -17.63 2.65
C ILE A 74 0.96 -17.73 4.15
N GLY A 75 1.79 -16.87 4.73
CA GLY A 75 2.15 -16.94 6.15
C GLY A 75 1.66 -15.73 6.92
N GLU A 76 1.81 -15.83 8.24
CA GLU A 76 1.75 -14.71 9.21
C GLU A 76 3.00 -13.88 8.98
N VAL A 77 2.92 -12.91 8.07
CA VAL A 77 4.07 -12.06 7.70
C VAL A 77 3.55 -10.63 7.64
N GLY A 78 4.47 -9.68 7.68
CA GLY A 78 4.18 -8.25 7.49
C GLY A 78 3.74 -7.57 8.76
N ALA A 79 3.58 -6.27 8.66
CA ALA A 79 3.18 -5.44 9.81
C ALA A 79 2.04 -4.50 9.41
N GLY A 80 1.99 -3.32 10.00
CA GLY A 80 0.90 -2.37 9.79
C GLY A 80 0.81 -1.84 8.37
N ILE A 81 -0.42 -1.72 7.89
CA ILE A 81 -0.77 -1.13 6.57
C ILE A 81 -1.79 0.01 6.78
N GLN A 82 -1.61 1.13 6.05
CA GLN A 82 -2.51 2.30 6.03
C GLN A 82 -3.67 1.97 5.09
N VAL A 83 -4.90 2.02 5.60
CA VAL A 83 -6.12 1.87 4.74
C VAL A 83 -6.91 3.18 4.75
N THR A 84 -6.54 4.09 3.88
CA THR A 84 -7.08 5.47 3.86
C THR A 84 -8.46 5.38 3.26
N PRO A 85 -9.29 6.44 3.38
CA PRO A 85 -10.69 6.35 2.94
C PRO A 85 -10.87 5.92 1.48
N ASN A 86 -9.92 6.30 0.61
CA ASN A 86 -9.97 5.99 -0.85
C ASN A 86 -9.87 4.46 -1.06
N VAL A 87 -9.23 3.76 -0.15
CA VAL A 87 -9.11 2.27 -0.15
C VAL A 87 -10.36 1.69 0.50
N THR A 88 -10.68 2.15 1.70
CA THR A 88 -11.86 1.66 2.46
C THR A 88 -13.13 1.75 1.60
N ARG A 89 -13.27 2.82 0.84
CA ARG A 89 -14.42 3.02 -0.07
C ARG A 89 -14.54 1.79 -0.98
N LEU A 90 -13.45 1.35 -1.59
CA LEU A 90 -13.48 0.17 -2.49
C LEU A 90 -13.73 -1.13 -1.68
N LEU A 91 -13.04 -1.35 -0.56
CA LEU A 91 -13.21 -2.60 0.23
C LEU A 91 -14.68 -2.73 0.69
N ARG A 92 -15.33 -1.63 1.09
CA ARG A 92 -16.78 -1.63 1.44
C ARG A 92 -17.63 -2.00 0.22
N ARG A 93 -17.26 -1.50 -0.95
CA ARG A 93 -17.96 -1.78 -2.22
C ARG A 93 -17.82 -3.28 -2.52
N TRP A 94 -16.75 -3.91 -2.03
CA TRP A 94 -16.47 -5.33 -2.31
C TRP A 94 -17.09 -6.26 -1.26
N GLY A 95 -17.84 -5.70 -0.31
CA GLY A 95 -18.59 -6.44 0.71
C GLY A 95 -17.77 -6.64 1.97
N LEU A 96 -16.66 -5.90 2.17
CA LEU A 96 -15.78 -6.18 3.33
C LEU A 96 -16.09 -5.28 4.54
N ALA A 97 -17.20 -4.52 4.57
CA ALA A 97 -17.38 -3.44 5.57
C ALA A 97 -17.30 -4.02 7.00
N ASP A 98 -18.06 -5.08 7.29
CA ASP A 98 -18.04 -5.65 8.66
C ASP A 98 -16.71 -6.35 8.93
N ALA A 99 -16.17 -7.10 7.98
CA ALA A 99 -14.96 -7.94 8.21
C ALA A 99 -13.74 -7.05 8.47
N ILE A 100 -13.68 -5.88 7.83
CA ILE A 100 -12.52 -5.00 8.13
C ILE A 100 -12.75 -4.32 9.50
N GLU A 101 -13.98 -3.92 9.79
CA GLU A 101 -14.28 -3.22 11.07
C GLU A 101 -13.86 -4.14 12.22
N ARG A 102 -13.99 -5.43 12.01
CA ARG A 102 -13.70 -6.46 13.02
C ARG A 102 -12.19 -6.56 13.31
N VAL A 103 -11.35 -6.47 12.30
CA VAL A 103 -9.89 -6.77 12.49
C VAL A 103 -9.01 -5.51 12.48
N ALA A 104 -9.49 -4.41 11.91
CA ALA A 104 -8.67 -3.18 11.78
C ALA A 104 -9.07 -2.18 12.88
N VAL A 105 -8.28 -1.13 13.01
CA VAL A 105 -8.43 -0.06 14.03
C VAL A 105 -8.62 1.28 13.33
N ARG A 106 -9.51 2.10 13.85
CA ARG A 106 -9.74 3.45 13.31
C ARG A 106 -8.96 4.46 14.15
N PRO A 107 -7.79 4.95 13.72
CA PRO A 107 -7.03 5.94 14.49
C PRO A 107 -7.86 7.22 14.66
N GLU A 108 -7.83 7.79 15.86
CA GLU A 108 -8.63 9.00 16.22
C GLU A 108 -7.91 10.27 15.76
N ALA A 109 -6.59 10.21 15.62
CA ALA A 109 -5.78 11.39 15.26
C ALA A 109 -4.35 10.96 14.92
N ILE A 110 -3.63 11.86 14.26
CA ILE A 110 -2.17 11.70 14.01
C ILE A 110 -1.56 12.74 14.96
N VAL A 111 -0.62 12.30 15.77
CA VAL A 111 0.00 13.15 16.82
C VAL A 111 1.50 13.21 16.55
N PHE A 112 2.06 14.41 16.57
CA PHE A 112 3.51 14.60 16.33
C PHE A 112 4.11 14.97 17.68
N ARG A 113 5.19 14.32 18.04
CA ARG A 113 5.84 14.51 19.36
C ARG A 113 7.33 14.75 19.14
N ARG A 114 7.91 15.60 19.98
CA ARG A 114 9.38 15.73 20.17
C ARG A 114 9.95 14.42 20.73
N TYR A 115 10.97 13.88 20.08
CA TYR A 115 11.60 12.59 20.47
C TYR A 115 12.00 12.61 21.95
N LYS A 116 12.66 13.69 22.38
CA LYS A 116 13.41 13.64 23.68
C LYS A 116 12.44 13.68 24.86
N THR A 117 11.38 14.46 24.77
CA THR A 117 10.50 14.77 25.93
C THR A 117 9.11 14.18 25.73
N GLY A 118 8.73 13.81 24.49
CA GLY A 118 7.35 13.41 24.14
C GLY A 118 6.39 14.60 24.11
N GLU A 119 6.88 15.84 24.10
CA GLU A 119 6.00 17.02 23.91
C GLU A 119 5.16 16.84 22.65
N ARG A 120 3.86 17.03 22.74
CA ARG A 120 2.96 16.99 21.57
C ARG A 120 3.08 18.36 20.93
N VAL A 121 3.68 18.43 19.75
CA VAL A 121 3.81 19.69 18.99
C VAL A 121 2.81 19.73 17.84
N GLY A 122 2.21 18.60 17.48
CA GLY A 122 1.25 18.57 16.37
C GLY A 122 0.11 17.62 16.62
N TYR A 123 -1.05 17.87 16.00
CA TYR A 123 -2.27 17.06 16.19
C TYR A 123 -3.24 17.39 15.07
N THR A 124 -3.69 16.36 14.35
CA THR A 124 -4.76 16.46 13.33
C THR A 124 -5.81 15.41 13.66
N LYS A 125 -7.05 15.86 13.89
CA LYS A 125 -8.16 14.94 14.27
C LYS A 125 -8.47 14.09 13.04
N TRP A 126 -8.53 12.78 13.26
CA TRP A 126 -8.95 11.80 12.23
C TRP A 126 -10.30 11.27 12.71
N GLY A 127 -10.44 9.97 12.94
CA GLY A 127 -11.73 9.44 13.40
C GLY A 127 -12.89 9.87 12.51
N ASP A 128 -13.93 10.45 13.12
CA ASP A 128 -15.19 10.84 12.44
C ASP A 128 -14.87 11.85 11.36
N LYS A 129 -13.87 12.72 11.56
CA LYS A 129 -13.50 13.74 10.56
C LYS A 129 -13.11 13.09 9.23
N MET A 130 -12.55 11.88 9.24
CA MET A 130 -12.20 11.13 8.00
C MET A 130 -13.43 10.73 7.19
N GLU A 131 -14.62 10.64 7.80
CA GLU A 131 -15.87 10.20 7.13
C GLU A 131 -16.30 11.26 6.11
N GLU A 132 -15.83 12.49 6.26
CA GLU A 132 -16.04 13.57 5.26
C GLU A 132 -15.37 13.20 3.92
N TYR A 133 -14.45 12.25 3.89
CA TYR A 133 -13.90 11.76 2.60
C TYR A 133 -14.75 10.58 2.12
N GLY A 134 -15.75 10.18 2.92
CA GLY A 134 -16.77 9.23 2.49
C GLY A 134 -16.55 7.82 3.00
N ALA A 135 -15.50 7.59 3.79
CA ALA A 135 -15.25 6.26 4.40
C ALA A 135 -14.19 6.44 5.48
N PRO A 136 -14.14 5.54 6.49
CA PRO A 136 -13.14 5.60 7.52
C PRO A 136 -11.71 5.32 7.02
N TYR A 137 -10.77 5.85 7.79
CA TYR A 137 -9.33 5.54 7.70
C TYR A 137 -9.07 4.40 8.66
N TYR A 138 -8.61 3.25 8.17
CA TYR A 138 -8.24 2.10 9.03
C TYR A 138 -6.72 1.88 9.08
N HIS A 139 -6.27 1.27 10.16
CA HIS A 139 -4.96 0.60 10.34
C HIS A 139 -5.15 -0.90 10.47
N ILE A 140 -4.39 -1.67 9.70
CA ILE A 140 -4.62 -3.14 9.63
C ILE A 140 -3.25 -3.82 9.59
N HIS A 141 -3.19 -4.99 10.20
CA HIS A 141 -2.07 -5.93 9.99
C HIS A 141 -2.14 -6.44 8.54
N ARG A 142 -1.04 -6.41 7.79
CA ARG A 142 -0.99 -6.92 6.39
C ARG A 142 -1.58 -8.34 6.30
N ALA A 143 -1.31 -9.23 7.27
CA ALA A 143 -1.82 -10.62 7.22
C ALA A 143 -3.35 -10.63 7.30
N ASP A 144 -3.96 -9.73 8.07
CA ASP A 144 -5.44 -9.68 8.21
C ASP A 144 -6.01 -9.10 6.92
N PHE A 145 -5.35 -8.08 6.38
CA PHE A 145 -5.74 -7.47 5.08
C PHE A 145 -5.66 -8.54 3.99
N HIS A 146 -4.54 -9.26 3.96
CA HIS A 146 -4.28 -10.33 2.94
C HIS A 146 -5.42 -11.36 3.05
N LYS A 147 -5.72 -11.81 4.28
CA LYS A 147 -6.79 -12.81 4.53
C LYS A 147 -8.14 -12.29 3.95
N LEU A 148 -8.46 -11.02 4.15
CA LEU A 148 -9.76 -10.44 3.70
C LEU A 148 -9.83 -10.54 2.18
N LEU A 149 -8.75 -10.15 1.50
CA LEU A 149 -8.74 -10.14 0.02
C LEU A 149 -8.66 -11.59 -0.48
N PHE A 150 -7.90 -12.44 0.20
CA PHE A 150 -7.77 -13.86 -0.18
C PHE A 150 -9.16 -14.55 -0.18
N ASP A 151 -9.90 -14.47 0.92
CA ASP A 151 -11.26 -15.06 1.06
C ASP A 151 -12.20 -14.47 -0.01
N LEU A 152 -12.06 -13.21 -0.37
CA LEU A 152 -12.88 -12.61 -1.45
C LEU A 152 -12.59 -13.29 -2.79
N ALA A 153 -11.32 -13.34 -3.16
CA ALA A 153 -10.84 -13.80 -4.48
C ALA A 153 -10.84 -15.32 -4.67
N ALA A 154 -10.58 -16.08 -3.61
CA ALA A 154 -10.33 -17.54 -3.64
C ALA A 154 -11.39 -18.29 -4.44
N PRO A 155 -12.70 -18.09 -4.25
CA PRO A 155 -13.71 -18.88 -4.99
C PRO A 155 -13.65 -18.69 -6.51
N ASN A 156 -12.96 -17.65 -7.02
CA ASN A 156 -13.05 -17.28 -8.45
C ASN A 156 -11.64 -17.08 -9.03
N MET A 157 -10.68 -17.79 -8.47
CA MET A 157 -9.33 -17.84 -9.08
C MET A 157 -8.76 -19.24 -8.93
N THR A 158 -7.86 -19.61 -9.84
CA THR A 158 -6.91 -20.72 -9.65
C THR A 158 -5.61 -20.11 -9.09
N LEU A 159 -5.19 -20.53 -7.91
CA LEU A 159 -3.93 -20.09 -7.26
C LEU A 159 -2.87 -21.19 -7.41
N ARG A 160 -1.71 -20.86 -7.95
CA ARG A 160 -0.52 -21.74 -8.00
C ARG A 160 0.53 -21.19 -7.03
N LEU A 161 0.68 -21.83 -5.88
CA LEU A 161 1.78 -21.49 -4.93
C LEU A 161 3.04 -22.22 -5.38
N LYS A 162 4.19 -21.87 -4.78
CA LYS A 162 5.53 -22.45 -5.02
C LYS A 162 5.85 -22.31 -6.50
N SER A 163 5.39 -21.23 -7.10
CA SER A 163 5.44 -21.02 -8.56
C SER A 163 6.13 -19.68 -8.87
N THR A 164 7.45 -19.64 -8.81
CA THR A 164 8.24 -18.45 -9.17
C THR A 164 8.24 -18.28 -10.69
N VAL A 165 7.74 -17.15 -11.17
CA VAL A 165 7.86 -16.80 -12.61
C VAL A 165 9.31 -16.38 -12.87
N VAL A 166 9.94 -17.01 -13.86
CA VAL A 166 11.37 -16.78 -14.18
C VAL A 166 11.51 -16.35 -15.63
N GLY A 167 10.42 -16.34 -16.41
CA GLY A 167 10.45 -15.92 -17.81
C GLY A 167 9.08 -15.47 -18.27
N VAL A 168 9.03 -14.51 -19.18
CA VAL A 168 7.75 -14.08 -19.78
C VAL A 168 7.98 -14.00 -21.28
N ASP A 169 7.18 -14.70 -22.08
CA ASP A 169 7.06 -14.37 -23.51
C ASP A 169 5.95 -13.34 -23.63
N PRO A 170 6.28 -12.05 -23.85
CA PRO A 170 5.26 -11.01 -23.85
C PRO A 170 4.42 -10.97 -25.13
N ASP A 171 4.83 -11.69 -26.19
CA ASP A 171 4.12 -11.73 -27.51
C ASP A 171 3.01 -12.77 -27.50
N ALA A 172 3.21 -13.91 -26.84
CA ALA A 172 2.24 -15.02 -26.87
C ALA A 172 0.90 -14.54 -26.34
N PRO A 173 0.74 -14.08 -25.07
CA PRO A 173 1.77 -14.10 -24.04
C PRO A 173 1.75 -15.38 -23.21
N SER A 174 2.85 -15.66 -22.51
CA SER A 174 2.93 -16.80 -21.59
C SER A 174 4.02 -16.52 -20.55
N LEU A 175 3.98 -17.33 -19.50
CA LEU A 175 4.86 -17.28 -18.31
C LEU A 175 5.64 -18.59 -18.25
N THR A 176 6.85 -18.54 -17.73
CA THR A 176 7.64 -19.77 -17.51
C THR A 176 7.95 -19.82 -16.03
N LEU A 177 7.65 -20.93 -15.39
CA LEU A 177 7.92 -21.11 -13.96
C LEU A 177 9.31 -21.73 -13.77
N ALA A 178 9.83 -21.68 -12.53
CA ALA A 178 11.18 -22.20 -12.19
C ALA A 178 11.31 -23.67 -12.61
N SER A 179 10.22 -24.43 -12.52
CA SER A 179 10.09 -25.85 -12.90
C SER A 179 10.24 -26.04 -14.43
N GLY A 180 10.13 -24.99 -15.23
CA GLY A 180 10.08 -25.05 -16.70
C GLY A 180 8.65 -25.13 -17.23
N GLU A 181 7.64 -25.31 -16.38
CA GLU A 181 6.23 -25.27 -16.85
C GLU A 181 5.94 -23.91 -17.48
N VAL A 182 5.26 -23.92 -18.62
CA VAL A 182 4.84 -22.73 -19.40
C VAL A 182 3.32 -22.59 -19.21
N LEU A 183 2.85 -21.42 -18.77
CA LEU A 183 1.39 -21.11 -18.62
C LEU A 183 0.99 -20.11 -19.70
N HIS A 184 -0.01 -20.46 -20.50
CA HIS A 184 -0.59 -19.59 -21.55
C HIS A 184 -1.75 -18.75 -20.97
N GLY A 185 -1.84 -17.50 -21.39
CA GLY A 185 -3.04 -16.68 -21.17
C GLY A 185 -3.23 -15.65 -22.28
N ASP A 186 -4.31 -14.86 -22.18
CA ASP A 186 -4.59 -13.76 -23.11
C ASP A 186 -3.83 -12.50 -22.66
N VAL A 187 -3.71 -12.30 -21.34
CA VAL A 187 -3.10 -11.08 -20.75
C VAL A 187 -2.31 -11.54 -19.53
N ILE A 188 -1.14 -10.97 -19.34
CA ILE A 188 -0.35 -11.16 -18.10
C ILE A 188 -0.36 -9.84 -17.32
N ILE A 189 -0.74 -9.92 -16.06
CA ILE A 189 -0.64 -8.78 -15.13
C ILE A 189 0.53 -9.06 -14.17
N GLY A 190 1.49 -8.16 -14.15
CA GLY A 190 2.62 -8.20 -13.20
C GLY A 190 2.31 -7.47 -11.91
N ALA A 191 1.91 -8.21 -10.88
CA ALA A 191 1.63 -7.73 -9.50
C ALA A 191 2.67 -8.33 -8.55
N ASP A 192 3.92 -8.38 -9.02
CA ASP A 192 4.99 -9.14 -8.33
C ASP A 192 5.88 -8.19 -7.53
N GLY A 193 5.38 -7.00 -7.17
CA GLY A 193 5.97 -6.20 -6.08
C GLY A 193 7.22 -5.41 -6.46
N VAL A 194 7.88 -4.85 -5.43
CA VAL A 194 8.94 -3.80 -5.58
C VAL A 194 10.04 -4.37 -6.48
N LYS A 195 10.34 -5.66 -6.38
CA LYS A 195 11.42 -6.28 -7.20
C LYS A 195 10.79 -7.20 -8.25
N SER A 196 9.78 -6.69 -8.93
CA SER A 196 9.02 -7.37 -10.00
C SER A 196 9.97 -7.96 -11.05
N TYR A 197 9.68 -9.20 -11.42
CA TYR A 197 10.35 -9.81 -12.60
C TYR A 197 9.64 -9.26 -13.85
N VAL A 198 8.30 -9.21 -13.82
CA VAL A 198 7.51 -8.77 -15.00
C VAL A 198 7.91 -7.36 -15.43
N GLN A 199 8.20 -6.50 -14.46
CA GLN A 199 8.66 -5.11 -14.74
C GLN A 199 9.85 -5.14 -15.71
N GLN A 200 10.83 -6.02 -15.48
CA GLN A 200 12.05 -6.07 -16.33
C GLN A 200 11.65 -6.39 -17.78
N VAL A 201 10.67 -7.25 -17.96
CA VAL A 201 10.18 -7.63 -19.32
C VAL A 201 9.45 -6.44 -19.95
N VAL A 202 8.58 -5.75 -19.20
CA VAL A 202 7.82 -4.59 -19.72
C VAL A 202 8.76 -3.46 -20.15
N ILE A 203 9.75 -3.13 -19.32
CA ILE A 203 10.55 -1.91 -19.55
C ILE A 203 11.89 -2.26 -20.21
N GLY A 204 12.43 -3.45 -20.05
CA GLY A 204 13.69 -3.85 -20.69
C GLY A 204 14.84 -3.88 -19.70
N ARG A 205 14.57 -3.52 -18.44
CA ARG A 205 15.58 -3.50 -17.35
C ARG A 205 14.83 -3.36 -16.04
N ALA A 206 15.49 -3.61 -14.91
CA ALA A 206 14.95 -3.30 -13.57
C ALA A 206 14.99 -1.79 -13.41
N ASN A 207 13.95 -1.21 -12.84
CA ASN A 207 13.85 0.25 -12.66
C ASN A 207 14.98 0.63 -11.67
N PRO A 208 15.86 1.60 -12.00
CA PRO A 208 16.93 1.99 -11.07
C PRO A 208 16.40 2.36 -9.69
N ALA A 209 17.13 1.96 -8.65
CA ALA A 209 16.80 2.16 -7.23
C ALA A 209 17.99 2.85 -6.56
N GLN A 210 17.73 3.95 -5.85
CA GLN A 210 18.79 4.78 -5.22
C GLN A 210 18.62 4.74 -3.71
N PRO A 211 19.64 4.35 -2.90
CA PRO A 211 19.50 4.28 -1.46
C PRO A 211 19.19 5.69 -0.95
N THR A 212 18.29 5.82 0.02
CA THR A 212 17.99 7.15 0.58
C THR A 212 19.04 7.48 1.65
N GLY A 213 19.77 6.47 2.12
CA GLY A 213 20.64 6.61 3.32
C GLY A 213 19.96 6.12 4.60
N ASP A 214 18.70 5.73 4.51
CA ASP A 214 17.94 5.28 5.69
C ASP A 214 17.50 3.82 5.59
N ALA A 215 17.17 3.26 6.73
CA ALA A 215 16.60 1.91 6.90
C ALA A 215 15.39 2.03 7.85
N ALA A 216 14.47 1.07 7.79
CA ALA A 216 13.32 1.05 8.70
C ALA A 216 13.36 -0.25 9.49
N TYR A 217 13.23 -0.17 10.82
CA TYR A 217 12.88 -1.34 11.65
C TYR A 217 11.35 -1.43 11.69
N ARG A 218 10.82 -2.64 11.67
CA ARG A 218 9.38 -2.82 11.94
C ARG A 218 9.28 -3.81 13.09
N ALA A 219 8.48 -3.48 14.07
CA ALA A 219 8.35 -4.32 15.27
C ALA A 219 6.93 -4.23 15.81
N ILE A 220 6.45 -5.34 16.37
CA ILE A 220 5.08 -5.41 16.93
C ILE A 220 5.21 -5.91 18.36
N ILE A 221 4.49 -5.27 19.28
CA ILE A 221 4.38 -5.81 20.66
C ILE A 221 2.90 -6.01 20.94
N PRO A 222 2.58 -6.96 21.83
CA PRO A 222 1.19 -7.14 22.26
C PRO A 222 0.79 -5.91 23.09
N THR A 223 -0.45 -5.46 22.94
CA THR A 223 -0.98 -4.33 23.77
C THR A 223 -1.24 -4.80 25.22
N SER A 224 -1.34 -6.10 25.49
CA SER A 224 -1.52 -6.58 26.89
C SER A 224 -0.40 -6.03 27.78
N VAL A 225 0.85 -5.97 27.31
CA VAL A 225 1.99 -5.48 28.15
C VAL A 225 1.87 -3.96 28.30
N MET A 226 1.23 -3.26 27.36
CA MET A 226 1.10 -1.80 27.49
C MET A 226 -0.01 -1.50 28.50
N LEU A 227 -1.07 -2.32 28.50
CA LEU A 227 -2.23 -2.11 29.40
C LEU A 227 -1.75 -2.25 30.84
N GLU A 228 -0.70 -3.05 31.07
CA GLU A 228 -0.12 -3.31 32.41
C GLU A 228 0.72 -2.13 32.90
N ASP A 229 1.06 -1.15 32.05
CA ASP A 229 1.91 0.02 32.42
C ASP A 229 1.04 1.27 32.36
N PRO A 230 0.77 1.99 33.48
CA PRO A 230 -0.15 3.13 33.43
C PRO A 230 0.33 4.27 32.49
N ASP A 231 1.62 4.28 32.13
CA ASP A 231 2.19 5.31 31.22
C ASP A 231 1.93 4.90 29.75
N LEU A 232 1.71 3.61 29.47
CA LEU A 232 1.57 3.08 28.07
C LEU A 232 0.10 2.76 27.74
N LYS A 233 -0.68 2.43 28.77
CA LYS A 233 -2.12 2.10 28.66
C LYS A 233 -2.86 3.11 27.78
N PRO A 234 -2.70 4.45 27.96
CA PRO A 234 -3.45 5.42 27.17
C PRO A 234 -3.23 5.31 25.65
N PHE A 235 -2.11 4.74 25.24
CA PHE A 235 -1.84 4.49 23.79
C PHE A 235 -2.74 3.39 23.25
N VAL A 236 -3.26 2.55 24.13
CA VAL A 236 -4.20 1.48 23.72
C VAL A 236 -5.63 1.99 23.87
N ASP A 237 -5.96 2.62 24.99
CA ASP A 237 -7.30 3.22 25.25
C ASP A 237 -7.73 4.17 24.14
N THR A 238 -6.84 5.08 23.72
CA THR A 238 -7.14 6.12 22.71
C THR A 238 -6.20 5.86 21.52
N PRO A 239 -6.67 5.10 20.51
CA PRO A 239 -5.80 4.68 19.43
C PRO A 239 -5.48 5.89 18.52
N GLU A 240 -4.21 6.21 18.42
CA GLU A 240 -3.72 7.33 17.61
C GLU A 240 -2.60 6.83 16.70
N MET A 241 -2.28 7.59 15.68
CA MET A 241 -1.00 7.40 14.97
C MET A 241 -0.02 8.41 15.55
N THR A 242 1.00 7.96 16.27
CA THR A 242 1.95 8.88 16.96
C THR A 242 3.29 8.80 16.23
N ALA A 243 3.81 9.96 15.86
CA ALA A 243 5.15 10.12 15.26
C ALA A 243 6.04 10.87 16.27
N TRP A 244 7.05 10.19 16.78
CA TRP A 244 8.09 10.87 17.61
C TRP A 244 9.20 11.27 16.63
N MET A 245 9.47 12.56 16.52
CA MET A 245 10.46 13.11 15.55
C MET A 245 11.80 13.38 16.23
N GLY A 246 12.90 12.85 15.67
CA GLY A 246 14.22 12.95 16.31
C GLY A 246 15.29 13.35 15.30
N PRO A 247 16.55 13.53 15.75
CA PRO A 247 17.65 13.89 14.84
C PRO A 247 18.06 12.69 13.98
N GLY A 248 17.70 12.74 12.72
CA GLY A 248 17.98 11.68 11.73
C GLY A 248 17.05 10.49 11.84
N THR A 249 16.04 10.54 12.73
CA THR A 249 15.25 9.35 13.13
C THR A 249 13.79 9.73 13.35
N HIS A 250 12.89 8.75 13.25
CA HIS A 250 11.51 8.91 13.78
C HIS A 250 10.96 7.54 14.13
N LEU A 251 10.00 7.55 15.04
CA LEU A 251 9.25 6.37 15.46
C LEU A 251 7.76 6.65 15.17
N MET A 252 7.16 5.83 14.34
CA MET A 252 5.72 5.94 14.06
C MET A 252 5.05 4.72 14.70
N ALA A 253 4.01 4.93 15.50
CA ALA A 253 3.36 3.82 16.24
C ALA A 253 1.83 3.93 16.17
N TYR A 254 1.17 2.77 16.07
CA TYR A 254 -0.32 2.69 16.03
C TYR A 254 -0.80 1.26 16.32
N ASN A 255 -2.03 1.17 16.82
CA ASN A 255 -2.72 -0.12 17.09
C ASN A 255 -3.10 -0.79 15.77
N ILE A 256 -2.95 -2.11 15.73
CA ILE A 256 -3.57 -2.96 14.67
C ILE A 256 -4.31 -4.11 15.35
N ARG A 257 -4.91 -4.98 14.53
CA ARG A 257 -5.51 -6.27 14.98
C ARG A 257 -6.43 -5.99 16.18
N ALA A 258 -7.41 -5.13 15.98
CA ALA A 258 -8.45 -4.69 16.94
C ALA A 258 -7.81 -4.29 18.27
N LYS A 259 -6.69 -3.56 18.23
CA LYS A 259 -5.95 -3.04 19.40
C LYS A 259 -5.43 -4.20 20.26
N GLN A 260 -5.08 -5.32 19.63
CA GLN A 260 -4.42 -6.44 20.34
C GLN A 260 -2.91 -6.33 20.12
N GLU A 261 -2.51 -5.58 19.10
CA GLU A 261 -1.09 -5.44 18.73
C GLU A 261 -0.77 -3.96 18.46
N PHE A 262 0.45 -3.56 18.83
CA PHE A 262 0.96 -2.20 18.66
C PHE A 262 2.10 -2.29 17.66
N ASN A 263 1.87 -1.63 16.51
CA ASN A 263 2.80 -1.57 15.38
C ASN A 263 3.73 -0.39 15.52
N MET A 264 5.03 -0.62 15.34
CA MET A 264 6.05 0.44 15.44
C MET A 264 6.98 0.33 14.26
N VAL A 265 7.22 1.46 13.61
CA VAL A 265 8.14 1.56 12.46
C VAL A 265 9.19 2.59 12.87
N LEU A 266 10.48 2.27 12.78
CA LEU A 266 11.55 3.19 13.25
C LEU A 266 12.53 3.43 12.13
N LEU A 267 12.56 4.67 11.64
CA LEU A 267 13.50 5.13 10.58
C LEU A 267 14.80 5.60 11.24
N HIS A 268 15.90 5.18 10.66
CA HIS A 268 17.23 5.56 11.18
C HIS A 268 18.25 5.46 10.06
N PRO A 269 19.39 6.16 10.14
CA PRO A 269 20.45 6.07 9.13
C PRO A 269 20.87 4.61 8.89
N ASP A 270 21.01 4.26 7.64
CA ASP A 270 21.36 2.89 7.20
C ASP A 270 22.75 2.50 7.70
N ASP A 271 22.80 1.56 8.62
CA ASP A 271 24.08 1.01 9.16
C ASP A 271 24.29 -0.38 8.57
N GLY A 272 23.68 -0.66 7.42
CA GLY A 272 23.78 -1.96 6.73
C GLY A 272 22.47 -2.70 6.79
N SER A 273 21.84 -2.86 5.64
CA SER A 273 20.51 -3.48 5.58
C SER A 273 20.31 -4.01 4.17
N VAL A 274 19.26 -4.77 3.96
CA VAL A 274 18.88 -5.21 2.60
C VAL A 274 17.40 -4.85 2.36
N GLU A 275 17.07 -4.76 1.08
CA GLU A 275 15.69 -4.53 0.64
C GLU A 275 15.01 -5.90 0.57
N SER A 276 14.52 -6.39 1.70
CA SER A 276 13.83 -7.70 1.76
C SER A 276 12.83 -7.70 2.92
N TRP A 277 11.69 -8.36 2.74
CA TRP A 277 10.61 -8.42 3.76
C TRP A 277 11.00 -9.41 4.87
N THR A 278 12.04 -10.21 4.68
CA THR A 278 12.42 -11.27 5.65
C THR A 278 13.72 -10.90 6.39
N ALA A 279 14.37 -9.78 6.05
CA ALA A 279 15.69 -9.42 6.63
C ALA A 279 15.53 -8.93 8.06
N GLU A 280 16.38 -9.44 8.94
CA GLU A 280 16.32 -9.22 10.40
C GLU A 280 17.14 -8.00 10.79
N GLY A 281 16.71 -7.33 11.85
CA GLY A 281 17.52 -6.28 12.50
C GLY A 281 17.85 -6.76 13.89
N SER A 282 18.74 -6.07 14.59
CA SER A 282 19.08 -6.39 16.00
C SER A 282 18.19 -5.52 16.90
N ALA A 283 17.36 -6.14 17.75
CA ALA A 283 16.50 -5.42 18.72
C ALA A 283 17.41 -4.59 19.63
N GLU A 284 18.59 -5.13 19.93
CA GLU A 284 19.52 -4.41 20.84
C GLU A 284 20.08 -3.17 20.14
N LYS A 285 20.44 -3.27 18.87
CA LYS A 285 20.91 -2.10 18.09
C LYS A 285 19.76 -1.09 17.93
N MET A 286 18.53 -1.56 17.75
CA MET A 286 17.34 -0.67 17.61
C MET A 286 17.20 0.15 18.89
N ARG A 287 17.28 -0.53 20.04
CA ARG A 287 17.11 0.11 21.37
C ARG A 287 18.22 1.13 21.53
N ALA A 288 19.42 0.77 21.11
CA ALA A 288 20.60 1.66 21.23
C ALA A 288 20.39 2.90 20.37
N ASP A 289 19.91 2.74 19.13
CA ASP A 289 19.70 3.87 18.20
C ASP A 289 18.65 4.85 18.75
N PHE A 290 17.70 4.37 19.56
CA PHE A 290 16.60 5.23 20.04
C PHE A 290 16.73 5.54 21.53
N LYS A 291 17.92 5.32 22.08
CA LYS A 291 18.17 5.50 23.53
C LYS A 291 17.89 6.93 24.03
N ASP A 292 17.89 7.95 23.17
CA ASP A 292 17.69 9.34 23.65
C ASP A 292 16.22 9.79 23.60
N TYR A 293 15.33 8.92 23.12
CA TYR A 293 13.88 9.20 23.06
C TYR A 293 13.31 9.13 24.48
N GLU A 294 12.13 9.72 24.66
CA GLU A 294 11.49 9.81 25.99
C GLU A 294 11.28 8.45 26.64
N PRO A 295 11.20 8.43 27.99
CA PRO A 295 11.00 7.18 28.74
C PRO A 295 9.84 6.30 28.25
N ARG A 296 8.73 6.83 27.74
CA ARG A 296 7.65 5.90 27.28
C ARG A 296 8.13 5.14 26.05
N VAL A 297 8.96 5.76 25.20
CA VAL A 297 9.53 5.07 24.01
C VAL A 297 10.54 4.02 24.48
N GLN A 298 11.35 4.33 25.50
CA GLN A 298 12.26 3.32 26.12
C GLN A 298 11.48 2.09 26.57
N LYS A 299 10.36 2.30 27.29
CA LYS A 299 9.48 1.22 27.81
C LYS A 299 8.87 0.43 26.65
N LEU A 300 8.38 1.11 25.61
CA LEU A 300 7.82 0.42 24.41
C LEU A 300 8.88 -0.47 23.77
N LEU A 301 10.06 0.08 23.52
CA LEU A 301 11.09 -0.67 22.79
C LEU A 301 11.70 -1.78 23.66
N GLN A 302 11.63 -1.68 24.99
CA GLN A 302 12.07 -2.77 25.90
C GLN A 302 11.25 -4.04 25.60
N HIS A 303 9.98 -3.92 25.19
CA HIS A 303 9.13 -5.12 24.94
C HIS A 303 9.43 -5.74 23.57
N VAL A 304 10.20 -5.09 22.69
CA VAL A 304 10.45 -5.66 21.33
C VAL A 304 11.35 -6.91 21.49
N LYS A 305 10.81 -8.08 21.17
CA LYS A 305 11.53 -9.38 21.22
C LYS A 305 12.30 -9.58 19.92
N SER A 306 11.76 -9.14 18.79
CA SER A 306 12.51 -9.17 17.52
C SER A 306 12.01 -8.06 16.60
N THR A 307 12.79 -7.80 15.55
CA THR A 307 12.51 -6.70 14.60
C THR A 307 12.99 -7.11 13.22
N LEU A 308 12.23 -6.74 12.19
CA LEU A 308 12.71 -6.88 10.80
C LEU A 308 13.16 -5.50 10.33
N LYS A 309 14.14 -5.46 9.42
CA LYS A 309 14.82 -4.23 8.97
C LYS A 309 14.84 -4.18 7.44
N TRP A 310 14.49 -3.03 6.87
CA TRP A 310 14.37 -2.84 5.40
C TRP A 310 15.22 -1.65 4.98
N ARG A 311 16.05 -1.82 3.96
CA ARG A 311 16.84 -0.70 3.42
C ARG A 311 15.94 0.14 2.53
N LEU A 312 15.82 1.42 2.79
CA LEU A 312 14.94 2.29 1.98
C LEU A 312 15.64 2.59 0.66
N MET A 313 14.92 2.39 -0.43
CA MET A 313 15.45 2.65 -1.78
C MET A 313 14.43 3.50 -2.53
N ASP A 314 14.87 4.58 -3.15
CA ASP A 314 14.01 5.51 -3.90
C ASP A 314 13.91 5.03 -5.36
N ARG A 315 12.69 4.90 -5.89
CA ARG A 315 12.46 4.48 -7.30
C ARG A 315 11.63 5.53 -7.98
N GLN A 316 11.95 5.93 -9.20
CA GLN A 316 11.14 6.93 -9.93
C GLN A 316 9.97 6.24 -10.62
N PRO A 317 8.93 7.02 -11.02
CA PRO A 317 7.84 6.49 -11.84
C PRO A 317 8.38 5.87 -13.14
N LEU A 318 7.73 4.82 -13.63
CA LEU A 318 8.08 4.21 -14.94
C LEU A 318 7.60 5.10 -16.07
N GLU A 319 8.23 4.97 -17.22
CA GLU A 319 7.81 5.65 -18.47
C GLU A 319 6.53 4.99 -19.01
N LYS A 320 6.36 3.69 -18.77
CA LYS A 320 5.15 2.96 -19.24
C LYS A 320 4.96 1.77 -18.32
N TRP A 321 3.76 1.22 -18.35
CA TRP A 321 3.36 0.05 -17.53
C TRP A 321 2.91 -1.07 -18.45
N VAL A 322 2.85 -0.80 -19.75
CA VAL A 322 2.38 -1.79 -20.74
C VAL A 322 3.52 -2.12 -21.70
N HIS A 323 3.78 -3.42 -21.88
CA HIS A 323 4.76 -3.93 -22.87
C HIS A 323 4.31 -3.49 -24.28
N SER A 324 5.25 -3.29 -25.19
CA SER A 324 4.97 -2.85 -26.58
C SER A 324 4.01 -3.79 -27.35
N SER A 325 3.88 -5.05 -26.96
CA SER A 325 2.98 -6.02 -27.62
C SER A 325 1.54 -5.86 -27.13
N GLY A 326 1.31 -5.05 -26.10
CA GLY A 326 -0.01 -4.72 -25.55
C GLY A 326 -0.72 -5.89 -24.91
N ARG A 327 0.03 -6.85 -24.35
CA ARG A 327 -0.57 -8.04 -23.68
C ARG A 327 -0.02 -8.24 -22.26
N VAL A 328 0.92 -7.41 -21.83
CA VAL A 328 1.49 -7.53 -20.47
C VAL A 328 1.49 -6.15 -19.84
N ALA A 329 1.01 -6.03 -18.61
CA ALA A 329 0.96 -4.74 -17.88
C ALA A 329 1.27 -4.99 -16.41
N LEU A 330 1.61 -3.91 -15.73
CA LEU A 330 2.04 -3.92 -14.34
C LEU A 330 0.92 -3.35 -13.46
N LEU A 331 0.93 -3.76 -12.20
CA LEU A 331 -0.04 -3.31 -11.17
C LEU A 331 0.66 -3.34 -9.83
N GLY A 332 0.47 -2.29 -9.04
CA GLY A 332 0.98 -2.19 -7.68
C GLY A 332 2.43 -1.79 -7.57
N ASP A 333 3.14 -2.41 -6.64
CA ASP A 333 4.53 -2.05 -6.29
C ASP A 333 5.50 -2.39 -7.42
N SER A 334 5.16 -3.31 -8.34
CA SER A 334 5.86 -3.55 -9.62
C SER A 334 5.97 -2.27 -10.47
N CYS A 335 5.13 -1.27 -10.27
CA CYS A 335 5.20 -0.05 -11.11
C CYS A 335 5.19 1.25 -10.27
N HIS A 336 4.75 1.24 -9.01
CA HIS A 336 4.80 2.50 -8.22
C HIS A 336 5.07 2.22 -6.73
N PRO A 337 6.23 1.65 -6.33
CA PRO A 337 6.49 1.43 -4.92
C PRO A 337 6.87 2.78 -4.30
N MET A 338 6.66 2.93 -3.00
CA MET A 338 7.04 4.21 -2.35
C MET A 338 7.65 4.01 -0.97
N LEU A 339 8.19 5.11 -0.45
CA LEU A 339 8.87 5.14 0.85
C LEU A 339 7.85 5.06 1.98
N PRO A 340 8.22 4.56 3.17
CA PRO A 340 7.27 4.44 4.27
C PRO A 340 6.79 5.71 4.99
N TYR A 341 7.16 6.90 4.54
CA TYR A 341 6.72 8.19 5.10
C TYR A 341 5.22 8.34 4.91
N ARG A 342 4.74 8.07 3.70
CA ARG A 342 3.28 8.00 3.39
C ARG A 342 3.05 6.68 2.66
N ALA A 343 2.90 5.58 3.40
CA ALA A 343 2.94 4.22 2.79
C ALA A 343 1.59 3.93 2.11
N GLN A 344 1.37 4.53 0.93
CA GLN A 344 0.13 4.35 0.12
C GLN A 344 0.32 3.20 -0.89
N GLY A 345 1.27 2.27 -0.69
CA GLY A 345 1.47 1.13 -1.58
C GLY A 345 0.19 0.33 -1.76
N ALA A 346 -0.41 -0.11 -0.69
CA ALA A 346 -1.64 -0.93 -0.71
C ALA A 346 -2.76 -0.13 -1.40
N ALA A 347 -2.91 1.13 -1.01
CA ALA A 347 -3.95 2.02 -1.57
C ALA A 347 -3.84 2.06 -3.09
N MET A 348 -2.64 2.30 -3.61
CA MET A 348 -2.47 2.52 -5.07
C MET A 348 -2.65 1.15 -5.78
N ALA A 349 -2.23 0.05 -5.16
CA ALA A 349 -2.37 -1.29 -5.77
C ALA A 349 -3.87 -1.62 -5.89
N ILE A 350 -4.64 -1.29 -4.86
CA ILE A 350 -6.09 -1.60 -4.85
C ILE A 350 -6.83 -0.69 -5.85
N GLU A 351 -6.45 0.59 -5.90
CA GLU A 351 -7.04 1.51 -6.86
C GLU A 351 -6.73 0.99 -8.27
N ASP A 352 -5.47 0.61 -8.52
CA ASP A 352 -5.06 0.06 -9.83
C ASP A 352 -6.02 -1.08 -10.19
N ALA A 353 -6.18 -2.04 -9.28
CA ALA A 353 -7.07 -3.20 -9.55
C ALA A 353 -8.47 -2.74 -9.90
N ALA A 354 -9.04 -1.78 -9.16
CA ALA A 354 -10.44 -1.33 -9.35
C ALA A 354 -10.57 -0.74 -10.76
N VAL A 355 -9.66 0.14 -11.16
CA VAL A 355 -9.70 0.72 -12.54
C VAL A 355 -9.48 -0.35 -13.60
N LEU A 356 -8.48 -1.22 -13.42
CA LEU A 356 -8.22 -2.30 -14.41
C LEU A 356 -9.47 -3.19 -14.54
N GLY A 357 -10.07 -3.60 -13.42
CA GLY A 357 -11.26 -4.47 -13.46
C GLY A 357 -12.41 -3.74 -14.14
N ASN A 358 -12.58 -2.46 -13.85
CA ASN A 358 -13.66 -1.64 -14.43
C ASN A 358 -13.49 -1.59 -15.96
N LEU A 359 -12.30 -1.31 -16.46
CA LEU A 359 -12.08 -1.25 -17.93
C LEU A 359 -12.27 -2.64 -18.54
N PHE A 360 -11.79 -3.67 -17.87
CA PHE A 360 -11.88 -5.04 -18.44
C PHE A 360 -13.30 -5.60 -18.42
N SER A 361 -14.19 -5.01 -17.63
CA SER A 361 -15.62 -5.41 -17.61
C SER A 361 -16.29 -4.97 -18.91
N ARG A 362 -15.60 -4.14 -19.70
CA ARG A 362 -16.11 -3.54 -20.95
C ARG A 362 -15.67 -4.34 -22.18
N LEU A 363 -14.78 -5.33 -22.04
CA LEU A 363 -14.10 -5.93 -23.21
C LEU A 363 -15.07 -6.75 -24.07
N SER A 364 -15.08 -6.51 -25.37
CA SER A 364 -15.98 -7.30 -26.26
C SER A 364 -15.24 -7.79 -27.50
N HIS A 365 -13.99 -7.36 -27.73
CA HIS A 365 -13.21 -7.69 -28.95
C HIS A 365 -11.71 -7.61 -28.70
N PRO A 366 -10.91 -8.52 -29.28
CA PRO A 366 -9.46 -8.53 -29.02
C PRO A 366 -8.73 -7.23 -29.39
N SER A 367 -9.21 -6.47 -30.37
CA SER A 367 -8.59 -5.18 -30.78
C SER A 367 -8.66 -4.13 -29.65
N GLN A 368 -9.43 -4.37 -28.58
CA GLN A 368 -9.64 -3.42 -27.46
C GLN A 368 -8.67 -3.72 -26.32
N ILE A 369 -8.04 -4.90 -26.33
CA ILE A 369 -7.18 -5.36 -25.18
C ILE A 369 -6.06 -4.34 -24.98
N ALA A 370 -5.27 -4.01 -26.01
CA ALA A 370 -4.18 -3.01 -25.88
C ALA A 370 -4.73 -1.65 -25.50
N PRO A 371 -5.72 -1.08 -26.22
CA PRO A 371 -6.25 0.23 -25.83
C PRO A 371 -6.72 0.28 -24.36
N LEU A 372 -7.30 -0.81 -23.87
CA LEU A 372 -7.83 -0.83 -22.48
C LEU A 372 -6.63 -0.81 -21.51
N LEU A 373 -5.54 -1.51 -21.84
CA LEU A 373 -4.32 -1.50 -20.97
C LEU A 373 -3.69 -0.10 -21.01
N HIS A 374 -3.71 0.59 -22.17
CA HIS A 374 -3.19 1.97 -22.31
C HIS A 374 -4.06 2.93 -21.50
N ALA A 375 -5.39 2.73 -21.56
CA ALA A 375 -6.34 3.57 -20.80
C ALA A 375 -6.10 3.37 -19.30
N TYR A 376 -5.92 2.14 -18.87
CA TYR A 376 -5.62 1.81 -17.45
C TYR A 376 -4.42 2.64 -17.01
N GLN A 377 -3.34 2.54 -17.80
CA GLN A 377 -2.10 3.26 -17.45
C GLN A 377 -2.38 4.77 -17.43
N ASN A 378 -3.05 5.25 -18.47
CA ASN A 378 -3.32 6.70 -18.63
C ASN A 378 -4.12 7.21 -17.42
N LEU A 379 -5.06 6.44 -16.92
CA LEU A 379 -5.89 6.95 -15.80
C LEU A 379 -5.10 6.88 -14.50
N ARG A 380 -4.11 6.00 -14.40
CA ARG A 380 -3.47 5.73 -13.09
C ARG A 380 -2.10 6.42 -12.94
N LEU A 381 -1.34 6.59 -14.03
CA LEU A 381 0.10 6.83 -13.85
C LEU A 381 0.37 8.11 -13.07
N LYS A 382 -0.19 9.26 -13.48
CA LYS A 382 0.12 10.56 -12.82
C LYS A 382 -0.28 10.53 -11.34
N ARG A 383 -1.50 10.09 -11.05
CA ARG A 383 -1.96 9.92 -9.63
C ARG A 383 -0.91 9.13 -8.85
N THR A 384 -0.51 7.96 -9.32
CA THR A 384 0.42 7.14 -8.53
C THR A 384 1.78 7.83 -8.43
N ALA A 385 2.22 8.53 -9.47
CA ALA A 385 3.52 9.26 -9.45
C ALA A 385 3.43 10.38 -8.40
N ASP A 386 2.32 11.10 -8.34
CA ASP A 386 2.09 12.17 -7.32
C ASP A 386 2.12 11.55 -5.93
N THR A 387 1.55 10.34 -5.77
CA THR A 387 1.52 9.65 -4.46
C THR A 387 2.93 9.19 -4.06
N GLN A 388 3.71 8.65 -5.00
CA GLN A 388 5.12 8.32 -4.70
C GLN A 388 5.82 9.59 -4.21
N ALA A 389 5.63 10.72 -4.91
CA ALA A 389 6.28 12.02 -4.62
C ALA A 389 5.89 12.49 -3.22
N SER A 390 4.61 12.36 -2.86
CA SER A 390 4.12 12.79 -1.52
C SER A 390 4.92 12.07 -0.44
N SER A 391 5.21 10.79 -0.63
CA SER A 391 6.03 10.04 0.34
C SER A 391 7.47 10.55 0.28
N ARG A 392 8.06 10.61 -0.91
CA ARG A 392 9.47 11.03 -1.12
C ARG A 392 9.74 12.40 -0.47
N LEU A 393 8.78 13.33 -0.47
CA LEU A 393 9.04 14.73 -0.05
C LEU A 393 8.82 14.89 1.46
N ASN A 394 8.57 13.80 2.16
CA ASN A 394 8.37 13.78 3.64
C ASN A 394 9.60 13.17 4.35
N GLN A 395 10.70 12.95 3.65
CA GLN A 395 11.86 12.23 4.22
C GLN A 395 12.65 13.05 5.22
N LYS A 396 12.78 14.34 5.01
CA LYS A 396 13.68 15.12 5.91
C LYS A 396 12.92 15.83 7.03
N ILE A 397 11.66 16.13 6.81
CA ILE A 397 10.92 17.01 7.78
C ILE A 397 10.86 16.35 9.18
N PHE A 398 10.71 15.02 9.30
CA PHE A 398 10.58 14.38 10.65
C PHE A 398 11.93 14.06 11.27
N HIS A 399 13.02 14.32 10.54
CA HIS A 399 14.39 13.87 10.91
C HIS A 399 15.31 15.07 11.15
N LEU A 400 14.79 16.28 11.20
CA LEU A 400 15.60 17.49 11.45
C LEU A 400 16.37 17.31 12.74
N PRO A 401 17.66 17.74 12.77
CA PRO A 401 18.41 17.80 14.01
C PRO A 401 17.83 18.92 14.88
N ASP A 402 18.09 18.90 16.19
CA ASP A 402 17.67 20.00 17.08
C ASP A 402 18.31 21.31 16.61
N GLY A 403 17.51 22.38 16.60
CA GLY A 403 17.97 23.71 16.18
C GLY A 403 16.87 24.52 15.54
N PRO A 404 17.18 25.68 14.93
CA PRO A 404 16.19 26.56 14.32
C PRO A 404 15.17 25.87 13.38
N ALA A 405 15.65 25.05 12.46
CA ALA A 405 14.77 24.33 11.51
C ALA A 405 13.77 23.47 12.29
N GLN A 406 14.27 22.70 13.24
CA GLN A 406 13.42 21.85 14.12
C GLN A 406 12.41 22.72 14.90
N GLU A 407 12.81 23.84 15.52
CA GLU A 407 11.90 24.69 16.34
C GLU A 407 10.84 25.32 15.43
N ALA A 408 11.17 25.65 14.17
CA ALA A 408 10.22 26.28 13.22
C ALA A 408 9.16 25.25 12.80
N ARG A 409 9.57 24.02 12.53
CA ARG A 409 8.61 22.92 12.22
C ARG A 409 7.68 22.75 13.44
N ASP A 410 8.22 22.67 14.65
CA ASP A 410 7.39 22.45 15.86
C ASP A 410 6.39 23.61 15.99
N ALA A 411 6.84 24.83 15.67
CA ALA A 411 6.04 26.06 15.83
C ALA A 411 4.92 26.01 14.80
N ASP A 412 5.21 25.53 13.60
CA ASP A 412 4.22 25.45 12.50
C ASP A 412 3.18 24.39 12.88
N MET A 413 3.65 23.24 13.36
CA MET A 413 2.72 22.20 13.82
C MET A 413 1.85 22.73 14.97
N ARG A 414 2.44 23.42 15.94
CA ARG A 414 1.67 23.92 17.11
C ARG A 414 0.55 24.84 16.63
N ALA A 415 0.87 25.77 15.74
CA ALA A 415 -0.12 26.71 15.22
C ALA A 415 -1.34 25.95 14.68
N ALA A 416 -1.12 24.92 13.87
CA ALA A 416 -2.19 24.12 13.24
C ALA A 416 -2.96 23.37 14.34
N MET A 417 -2.21 22.83 15.31
CA MET A 417 -2.78 22.04 16.43
C MET A 417 -3.72 22.94 17.24
N GLU A 418 -3.32 24.19 17.51
CA GLU A 418 -4.11 25.07 18.38
C GLU A 418 -5.48 25.32 17.74
N LEU A 419 -5.57 25.47 16.42
CA LEU A 419 -6.88 25.54 15.68
C LEU A 419 -7.70 24.27 15.91
N GLU A 420 -7.10 23.09 15.75
CA GLU A 420 -7.79 21.80 16.01
C GLU A 420 -8.36 21.80 17.43
N PHE A 421 -7.62 22.32 18.42
CA PHE A 421 -8.03 22.28 19.86
C PHE A 421 -9.08 23.35 20.14
N ARG A 422 -9.03 24.47 19.44
CA ARG A 422 -10.06 25.50 19.63
C ARG A 422 -11.44 24.90 19.31
N LEU A 423 -11.54 24.11 18.26
CA LEU A 423 -12.84 23.50 17.90
C LEU A 423 -13.41 22.71 19.09
N LEU A 424 -12.58 21.88 19.68
CA LEU A 424 -12.92 20.97 20.82
C LEU A 424 -13.45 21.75 22.04
N ASP A 442 -1.80 19.71 3.89
CA ASP A 442 -2.84 20.52 3.19
C ASP A 442 -4.13 19.72 2.99
N ARG A 443 -5.27 20.31 3.38
CA ARG A 443 -6.61 19.68 3.33
C ARG A 443 -7.05 19.39 1.89
N LYS A 444 -6.59 20.20 0.94
CA LYS A 444 -6.97 20.03 -0.48
C LYS A 444 -6.21 18.82 -1.06
N LYS A 445 -5.00 18.59 -0.59
CA LYS A 445 -4.24 17.41 -1.04
C LYS A 445 -4.90 16.17 -0.43
N ASN A 446 -5.31 16.26 0.84
CA ASN A 446 -5.97 15.13 1.55
C ASN A 446 -7.24 14.75 0.80
N MET A 447 -8.01 15.75 0.37
CA MET A 447 -9.25 15.52 -0.39
C MET A 447 -8.93 14.85 -1.74
N ALA A 448 -7.89 15.28 -2.45
CA ALA A 448 -7.49 14.68 -3.75
C ALA A 448 -7.08 13.22 -3.50
N GLN A 449 -6.37 12.91 -2.40
CA GLN A 449 -5.97 11.50 -2.10
C GLN A 449 -7.20 10.72 -1.58
N PHE A 450 -7.80 11.17 -0.49
CA PHE A 450 -8.77 10.38 0.31
C PHE A 450 -10.16 10.33 -0.34
N GLY A 451 -10.53 11.36 -1.09
CA GLY A 451 -11.88 11.47 -1.69
C GLY A 451 -11.96 10.77 -3.04
N TYR A 452 -10.84 10.28 -3.56
CA TYR A 452 -10.76 9.60 -4.88
C TYR A 452 -11.64 8.34 -4.91
N ASP A 453 -12.39 8.18 -5.99
CA ASP A 453 -13.25 7.00 -6.23
C ASP A 453 -12.80 6.36 -7.55
N ALA A 454 -12.09 5.24 -7.45
CA ALA A 454 -11.48 4.62 -8.66
C ALA A 454 -12.57 4.26 -9.69
N ASP A 455 -13.70 3.71 -9.23
CA ASP A 455 -14.80 3.30 -10.14
C ASP A 455 -15.41 4.53 -10.82
N ALA A 456 -15.63 5.61 -10.08
CA ALA A 456 -16.20 6.86 -10.63
C ALA A 456 -15.29 7.36 -11.74
N VAL A 457 -13.98 7.33 -11.53
CA VAL A 457 -13.03 7.87 -12.55
C VAL A 457 -13.17 7.03 -13.82
N ALA A 458 -13.13 5.70 -13.72
CA ALA A 458 -13.21 4.79 -14.89
C ALA A 458 -14.62 4.84 -15.52
N ASP A 459 -15.70 4.85 -14.73
CA ASP A 459 -17.07 4.95 -15.29
C ASP A 459 -17.19 6.23 -16.14
N ARG A 460 -16.69 7.35 -15.61
CA ARG A 460 -16.83 8.64 -16.31
C ARG A 460 -15.99 8.64 -17.59
N TRP A 461 -14.76 8.17 -17.50
CA TRP A 461 -13.95 8.11 -18.73
C TRP A 461 -14.65 7.23 -19.77
N TRP A 462 -15.18 6.08 -19.34
CA TRP A 462 -15.87 5.17 -20.28
C TRP A 462 -17.03 5.91 -20.95
N ALA A 463 -17.84 6.59 -20.15
CA ALA A 463 -19.01 7.34 -20.66
C ALA A 463 -18.59 8.45 -21.63
N ASP A 464 -17.64 9.28 -21.23
CA ASP A 464 -17.27 10.50 -22.01
C ASP A 464 -16.47 10.09 -23.26
N VAL A 465 -15.59 9.08 -23.16
CA VAL A 465 -14.60 8.81 -24.24
C VAL A 465 -14.54 7.32 -24.63
N GLY A 466 -14.39 6.42 -23.66
CA GLY A 466 -13.95 5.06 -23.97
C GLY A 466 -15.01 4.31 -24.75
N GLU A 467 -16.28 4.50 -24.42
CA GLU A 467 -17.36 3.75 -25.12
C GLU A 467 -17.24 3.97 -26.63
N ARG A 468 -17.04 5.22 -27.01
CA ARG A 468 -16.95 5.66 -28.42
C ARG A 468 -15.60 5.20 -29.00
N GLU A 469 -14.49 5.50 -28.31
CA GLU A 469 -13.15 5.33 -28.93
C GLU A 469 -12.66 3.89 -28.80
N ILE A 470 -13.05 3.18 -27.76
CA ILE A 470 -12.57 1.78 -27.56
C ILE A 470 -13.70 0.82 -27.85
N GLY A 471 -14.89 1.09 -27.32
CA GLY A 471 -16.01 0.15 -27.37
C GLY A 471 -16.39 -0.20 -28.80
N SER A 472 -16.14 0.70 -29.75
CA SER A 472 -16.58 0.49 -31.16
C SER A 472 -15.56 -0.34 -31.94
N LEU A 473 -14.35 -0.58 -31.39
CA LEU A 473 -13.27 -1.31 -32.10
C LEU A 473 -13.74 -2.75 -32.35
N GLY A 474 -13.54 -3.24 -33.58
CA GLY A 474 -14.02 -4.56 -33.99
C GLY A 474 -15.36 -4.51 -34.73
N GLN A 475 -16.12 -3.40 -34.71
CA GLN A 475 -17.47 -3.34 -35.35
C GLN A 475 -17.34 -3.29 -36.88
PA FAD B . 3.56 -7.17 -2.69
O1A FAD B . 2.70 -7.03 -1.50
O2A FAD B . 5.04 -7.04 -2.53
O5B FAD B . 3.26 -8.62 -3.32
C5B FAD B . 3.97 -9.10 -4.46
C4B FAD B . 3.83 -10.61 -4.44
O4B FAD B . 4.49 -11.12 -5.63
C3B FAD B . 4.48 -11.31 -3.24
O3B FAD B . 3.55 -12.20 -2.64
C2B FAD B . 5.69 -12.02 -3.86
O2B FAD B . 5.94 -13.26 -3.24
C1B FAD B . 5.22 -12.27 -5.27
N9A FAD B . 6.28 -12.43 -6.27
C8A FAD B . 7.38 -11.64 -6.41
N7A FAD B . 8.13 -12.03 -7.40
C5A FAD B . 7.46 -13.10 -7.98
C6A FAD B . 7.76 -13.93 -9.08
N6A FAD B . 8.82 -13.78 -9.86
N1A FAD B . 6.88 -14.93 -9.36
C2A FAD B . 5.80 -15.05 -8.59
N3A FAD B . 5.43 -14.35 -7.51
C4A FAD B . 6.32 -13.38 -7.27
N1 FAD B . 4.73 -3.24 3.19
C2 FAD B . 4.78 -2.48 4.32
O2 FAD B . 4.63 -1.27 4.26
N3 FAD B . 4.92 -3.04 5.55
C4 FAD B . 5.12 -4.38 5.74
O4 FAD B . 5.19 -4.81 6.89
C4X FAD B . 5.15 -5.21 4.56
N5 FAD B . 5.32 -6.51 4.69
C5X FAD B . 5.35 -7.26 3.54
C6 FAD B . 5.60 -8.65 3.65
C7 FAD B . 5.62 -9.46 2.53
C7M FAD B . 5.88 -10.95 2.67
C8 FAD B . 5.41 -8.88 1.23
C8M FAD B . 5.42 -9.75 -0.02
C9 FAD B . 5.17 -7.52 1.13
C9A FAD B . 5.15 -6.69 2.26
N10 FAD B . 4.91 -5.32 2.18
C10 FAD B . 4.91 -4.54 3.31
C1' FAD B . 4.67 -4.66 0.89
C2' FAD B . 3.20 -4.29 0.71
O2' FAD B . 2.45 -5.50 0.53
C3' FAD B . 3.05 -3.43 -0.56
O3' FAD B . 3.80 -2.22 -0.39
C4' FAD B . 1.62 -3.08 -0.96
O4' FAD B . 0.79 -2.90 0.20
C5' FAD B . 1.01 -4.10 -1.90
O5' FAD B . 1.80 -4.12 -3.13
P FAD B . 1.75 -5.35 -4.17
O1P FAD B . 0.64 -6.30 -3.90
O2P FAD B . 1.93 -4.69 -5.51
O3P FAD B . 3.11 -6.15 -3.84
C ACT C . -7.29 7.69 -20.98
O ACT C . -6.59 7.32 -21.98
OXT ACT C . -8.09 6.94 -20.44
CH3 ACT C . -7.15 9.09 -20.36
#